data_2Y04
#
_entry.id   2Y04
#
_cell.length_a   89.900
_cell.length_b   62.000
_cell.length_c   101.500
_cell.angle_alpha   90.00
_cell.angle_beta   109.90
_cell.angle_gamma   90.00
#
_symmetry.space_group_name_H-M   'P 1 21 1'
#
loop_
_entity.id
_entity.type
_entity.pdbx_description
1 polymer 'BETA-1 ADRENERGIC RECEPTOR'
2 non-polymer 'CHOLESTEROL HEMISUCCINATE'
3 non-polymer HEGA-10
4 non-polymer SALBUTAMOL
5 non-polymer 'SODIUM ION'
6 water water
#
_entity_poly.entity_id   1
_entity_poly.type   'polypeptide(L)'
_entity_poly.pdbx_seq_one_letter_code
;MGAELLSQQWEAGMSLLMALVVLLIVAGNVLVIAAIGSTQRLQTLTNLFITSLACADLVVGLLVVPFGATLVVRGTWLWG
SFLCELWTSLDVLCVTASIETLCVIAIDRYLAITSPFRYQSLMTRARAKVIICTVWAISALVSFLPIMMHWWRDEDPQAL
KCYQDPGCCDFVTNRAYAIASSIISFYIPLLIMIFVALRVYREAKEQIRKIDRASKRKTSRVMLMREHKALKTLGIIMGV
FTLCWLPFFLVNIVNVFNRDLVPDWLFVAFNWLGYANSAMNPIIYCRSPDFRKAFKRLLAFPRKADRRLHHHHHH
;
_entity_poly.pdbx_strand_id   A,B
#
# COMPACT_ATOMS: atom_id res chain seq x y z
N ALA A 3 12.14 -48.86 0.63
CA ALA A 3 13.02 -47.75 1.08
C ALA A 3 13.48 -46.89 -0.10
N GLU A 4 14.56 -47.30 -0.76
CA GLU A 4 15.09 -46.60 -1.95
C GLU A 4 14.22 -46.81 -3.19
N LEU A 5 13.29 -47.76 -3.12
CA LEU A 5 12.32 -47.99 -4.17
C LEU A 5 11.15 -47.06 -3.98
N LEU A 6 10.72 -46.94 -2.74
CA LEU A 6 9.61 -46.07 -2.35
C LEU A 6 9.87 -44.60 -2.76
N SER A 7 11.16 -44.22 -2.69
CA SER A 7 11.64 -42.92 -3.10
C SER A 7 11.57 -42.74 -4.62
N GLN A 8 12.19 -43.65 -5.37
CA GLN A 8 12.16 -43.61 -6.84
C GLN A 8 10.75 -43.55 -7.43
N GLN A 9 9.84 -44.33 -6.86
CA GLN A 9 8.45 -44.31 -7.32
C GLN A 9 7.88 -42.89 -7.20
N TRP A 10 7.95 -42.37 -5.97
CA TRP A 10 7.49 -41.04 -5.67
C TRP A 10 8.23 -39.98 -6.51
N GLU A 11 9.55 -40.00 -6.54
CA GLU A 11 10.31 -39.01 -7.30
C GLU A 11 9.81 -38.91 -8.74
N ALA A 12 9.61 -40.06 -9.38
CA ALA A 12 9.30 -40.09 -10.80
C ALA A 12 7.82 -39.81 -11.13
N GLY A 13 6.92 -40.24 -10.24
CA GLY A 13 5.50 -39.94 -10.39
C GLY A 13 5.20 -38.46 -10.14
N MET A 14 5.94 -37.85 -9.22
CA MET A 14 5.79 -36.43 -8.91
C MET A 14 6.40 -35.59 -10.03
N SER A 15 7.59 -35.97 -10.48
CA SER A 15 8.23 -35.31 -11.63
C SER A 15 7.31 -35.28 -12.83
N LEU A 16 6.33 -36.17 -12.83
CA LEU A 16 5.40 -36.29 -13.96
C LEU A 16 4.22 -35.35 -13.83
N LEU A 17 3.57 -35.40 -12.67
CA LEU A 17 2.51 -34.47 -12.30
C LEU A 17 2.96 -33.00 -12.41
N MET A 18 4.19 -32.73 -11.99
CA MET A 18 4.79 -31.41 -12.12
C MET A 18 4.95 -31.00 -13.57
N ALA A 19 5.56 -31.87 -14.38
CA ALA A 19 5.75 -31.60 -15.80
C ALA A 19 4.42 -31.33 -16.48
N LEU A 20 3.39 -32.04 -16.03
CA LEU A 20 2.04 -31.88 -16.54
C LEU A 20 1.47 -30.48 -16.25
N VAL A 21 1.58 -30.05 -14.99
CA VAL A 21 1.14 -28.72 -14.56
C VAL A 21 1.94 -27.65 -15.29
N VAL A 22 3.27 -27.77 -15.32
CA VAL A 22 4.10 -26.86 -16.09
C VAL A 22 3.52 -26.71 -17.50
N LEU A 23 3.26 -27.85 -18.13
CA LEU A 23 2.80 -27.90 -19.53
C LEU A 23 1.43 -27.28 -19.73
N LEU A 24 0.53 -27.53 -18.80
CA LEU A 24 -0.82 -27.00 -18.86
C LEU A 24 -0.85 -25.48 -18.72
N ILE A 25 -0.09 -24.96 -17.75
CA ILE A 25 0.03 -23.51 -17.56
C ILE A 25 0.67 -22.87 -18.78
N VAL A 26 1.81 -23.41 -19.22
CA VAL A 26 2.55 -22.81 -20.33
C VAL A 26 1.78 -22.91 -21.66
N ALA A 27 1.08 -24.01 -21.89
CA ALA A 27 0.28 -24.15 -23.11
C ALA A 27 -0.89 -23.20 -23.07
N GLY A 28 -1.66 -23.31 -21.98
CA GLY A 28 -2.88 -22.53 -21.79
C GLY A 28 -2.69 -21.03 -21.97
N ASN A 29 -1.60 -20.51 -21.46
CA ASN A 29 -1.40 -19.06 -21.44
C ASN A 29 -0.74 -18.52 -22.69
N VAL A 30 0.15 -19.31 -23.30
CA VAL A 30 0.68 -18.99 -24.64
C VAL A 30 -0.50 -18.89 -25.61
N LEU A 31 -1.45 -19.81 -25.48
CA LEU A 31 -2.67 -19.75 -26.29
C LEU A 31 -3.37 -18.40 -26.17
N VAL A 32 -3.65 -17.98 -24.94
CA VAL A 32 -4.31 -16.71 -24.69
C VAL A 32 -3.51 -15.54 -25.30
N ILE A 33 -2.21 -15.50 -25.07
CA ILE A 33 -1.39 -14.41 -25.60
C ILE A 33 -1.41 -14.38 -27.12
N ALA A 34 -1.24 -15.54 -27.74
CA ALA A 34 -1.29 -15.66 -29.19
C ALA A 34 -2.67 -15.34 -29.80
N ALA A 35 -3.74 -15.84 -29.18
CA ALA A 35 -5.12 -15.56 -29.61
C ALA A 35 -5.43 -14.07 -29.64
N ILE A 36 -5.17 -13.38 -28.52
CA ILE A 36 -5.25 -11.92 -28.49
C ILE A 36 -4.21 -11.29 -29.43
N GLY A 37 -3.04 -11.92 -29.55
CA GLY A 37 -1.96 -11.38 -30.37
C GLY A 37 -2.19 -11.43 -31.87
N SER A 38 -3.15 -12.25 -32.26
CA SER A 38 -3.41 -12.53 -33.66
C SER A 38 -4.92 -12.53 -33.92
N THR A 39 -5.61 -11.49 -33.43
CA THR A 39 -7.05 -11.29 -33.68
C THR A 39 -7.44 -9.83 -33.37
N GLN A 40 -7.71 -9.06 -34.44
CA GLN A 40 -8.12 -7.65 -34.31
C GLN A 40 -9.45 -7.60 -33.59
N ARG A 41 -10.31 -8.58 -33.90
CA ARG A 41 -11.57 -8.81 -33.22
C ARG A 41 -11.34 -8.80 -31.69
N LEU A 42 -10.33 -9.52 -31.23
CA LEU A 42 -10.09 -9.65 -29.79
C LEU A 42 -9.00 -8.76 -29.19
N GLN A 43 -8.67 -7.66 -29.85
CA GLN A 43 -7.73 -6.71 -29.28
C GLN A 43 -8.41 -5.51 -28.57
N THR A 44 -9.47 -5.78 -27.80
CA THR A 44 -10.14 -4.76 -26.97
C THR A 44 -9.17 -4.22 -25.91
N LEU A 45 -9.52 -3.09 -25.29
CA LEU A 45 -8.69 -2.56 -24.21
C LEU A 45 -8.64 -3.53 -23.05
N THR A 46 -9.82 -4.03 -22.66
CA THR A 46 -9.93 -4.99 -21.57
C THR A 46 -9.00 -6.22 -21.71
N ASN A 47 -8.83 -6.72 -22.93
CA ASN A 47 -7.98 -7.89 -23.16
C ASN A 47 -6.48 -7.60 -23.05
N LEU A 48 -6.14 -6.32 -23.11
CA LEU A 48 -4.78 -5.88 -22.84
C LEU A 48 -4.45 -6.22 -21.38
N PHE A 49 -5.42 -6.01 -20.49
CA PHE A 49 -5.28 -6.38 -19.08
C PHE A 49 -5.24 -7.91 -18.91
N ILE A 50 -6.09 -8.62 -19.63
CA ILE A 50 -6.04 -10.08 -19.71
C ILE A 50 -4.66 -10.60 -20.17
N THR A 51 -4.06 -9.98 -21.19
CA THR A 51 -2.71 -10.35 -21.63
C THR A 51 -1.71 -10.20 -20.50
N SER A 52 -1.81 -9.07 -19.78
CA SER A 52 -0.94 -8.76 -18.66
C SER A 52 -1.07 -9.84 -17.59
N LEU A 53 -2.32 -10.19 -17.27
CA LEU A 53 -2.63 -11.24 -16.32
C LEU A 53 -2.06 -12.60 -16.75
N ALA A 54 -2.20 -12.94 -18.02
CA ALA A 54 -1.66 -14.19 -18.59
C ALA A 54 -0.13 -14.23 -18.62
N CYS A 55 0.52 -13.07 -18.73
CA CYS A 55 1.98 -12.98 -18.60
C CYS A 55 2.40 -13.35 -17.19
N ALA A 56 1.65 -12.85 -16.21
CA ALA A 56 1.90 -13.16 -14.82
C ALA A 56 1.83 -14.65 -14.61
N ASP A 57 0.82 -15.30 -15.18
CA ASP A 57 0.66 -16.74 -15.05
C ASP A 57 1.71 -17.48 -15.84
N LEU A 58 2.08 -16.94 -17.00
CA LEU A 58 3.17 -17.49 -17.78
C LEU A 58 4.46 -17.54 -16.93
N VAL A 59 4.72 -16.51 -16.13
CA VAL A 59 5.94 -16.44 -15.30
C VAL A 59 5.89 -17.49 -14.19
N VAL A 60 4.69 -17.80 -13.72
CA VAL A 60 4.50 -18.88 -12.75
C VAL A 60 4.78 -20.25 -13.39
N GLY A 61 4.45 -20.41 -14.66
CA GLY A 61 4.68 -21.66 -15.39
C GLY A 61 6.14 -21.91 -15.78
N LEU A 62 6.83 -20.91 -16.30
CA LEU A 62 8.22 -21.09 -16.72
C LEU A 62 9.22 -21.08 -15.55
N LEU A 63 8.93 -20.30 -14.51
CA LEU A 63 9.93 -20.02 -13.48
C LEU A 63 9.52 -20.42 -12.08
N VAL A 64 8.31 -20.07 -11.68
CA VAL A 64 7.94 -20.31 -10.28
C VAL A 64 7.78 -21.79 -10.04
N VAL A 65 6.95 -22.43 -10.86
CA VAL A 65 6.61 -23.84 -10.65
C VAL A 65 7.76 -24.82 -10.94
N PRO A 66 8.49 -24.65 -12.05
CA PRO A 66 9.67 -25.50 -12.23
C PRO A 66 10.57 -25.50 -11.01
N PHE A 67 11.00 -24.32 -10.56
CA PHE A 67 11.89 -24.23 -9.40
C PHE A 67 11.31 -24.95 -8.21
N GLY A 68 10.05 -24.63 -7.88
CA GLY A 68 9.34 -25.23 -6.76
C GLY A 68 9.19 -26.71 -6.89
N ALA A 69 9.14 -27.18 -8.14
CA ALA A 69 9.05 -28.61 -8.44
C ALA A 69 10.33 -29.30 -8.05
N THR A 70 11.47 -28.79 -8.51
CA THR A 70 12.78 -29.36 -8.14
C THR A 70 12.90 -29.48 -6.62
N LEU A 71 12.39 -28.50 -5.88
CA LEU A 71 12.44 -28.54 -4.44
C LEU A 71 11.59 -29.69 -3.91
N VAL A 72 10.34 -29.75 -4.36
CA VAL A 72 9.39 -30.77 -3.87
C VAL A 72 9.86 -32.18 -4.21
N VAL A 73 10.32 -32.37 -5.44
CA VAL A 73 10.72 -33.68 -5.92
C VAL A 73 12.01 -34.17 -5.28
N ARG A 74 13.06 -33.36 -5.38
CA ARG A 74 14.37 -33.78 -4.92
C ARG A 74 14.64 -33.64 -3.41
N GLY A 75 13.81 -32.88 -2.69
CA GLY A 75 13.93 -32.78 -1.24
C GLY A 75 14.78 -31.64 -0.68
N THR A 76 15.54 -30.96 -1.54
CA THR A 76 16.27 -29.74 -1.14
C THR A 76 16.39 -28.72 -2.25
N TRP A 77 16.90 -27.54 -1.91
CA TRP A 77 17.17 -26.53 -2.91
C TRP A 77 18.55 -26.78 -3.50
N LEU A 78 18.60 -26.91 -4.82
CA LEU A 78 19.88 -27.22 -5.49
C LEU A 78 20.56 -26.03 -6.13
N TRP A 79 19.98 -24.85 -6.02
CA TRP A 79 20.37 -23.73 -6.91
C TRP A 79 21.04 -22.54 -6.24
N GLY A 80 21.40 -22.68 -4.97
CA GLY A 80 22.15 -21.65 -4.25
C GLY A 80 21.33 -20.51 -3.66
N SER A 81 21.99 -19.72 -2.82
CA SER A 81 21.35 -18.61 -2.10
C SER A 81 20.62 -17.61 -2.99
N PHE A 82 21.32 -17.05 -3.97
CA PHE A 82 20.79 -15.95 -4.76
C PHE A 82 19.54 -16.37 -5.52
N LEU A 83 19.61 -17.52 -6.17
CA LEU A 83 18.47 -18.00 -6.94
C LEU A 83 17.25 -18.33 -6.07
N CYS A 84 17.50 -18.74 -4.84
CA CYS A 84 16.45 -18.99 -3.86
C CYS A 84 15.66 -17.71 -3.52
N GLU A 85 16.39 -16.62 -3.26
CA GLU A 85 15.72 -15.35 -2.98
C GLU A 85 14.98 -14.85 -4.21
N LEU A 86 15.63 -14.91 -5.36
CA LEU A 86 15.03 -14.43 -6.62
C LEU A 86 13.83 -15.26 -6.96
N TRP A 87 13.91 -16.56 -6.69
CA TRP A 87 12.73 -17.42 -6.87
C TRP A 87 11.56 -16.96 -5.99
N THR A 88 11.83 -16.77 -4.70
CA THR A 88 10.85 -16.21 -3.77
C THR A 88 10.28 -14.86 -4.23
N SER A 89 11.15 -13.94 -4.67
CA SER A 89 10.72 -12.67 -5.25
C SER A 89 9.67 -12.84 -6.34
N LEU A 90 10.01 -13.63 -7.36
CA LEU A 90 9.12 -13.83 -8.49
C LEU A 90 7.78 -14.41 -8.06
N ASP A 91 7.81 -15.32 -7.10
CA ASP A 91 6.60 -15.88 -6.54
C ASP A 91 5.70 -14.78 -5.95
N VAL A 92 6.23 -14.00 -5.02
CA VAL A 92 5.49 -12.89 -4.47
C VAL A 92 5.11 -11.89 -5.57
N LEU A 93 6.02 -11.65 -6.52
CA LEU A 93 5.73 -10.66 -7.59
C LEU A 93 4.44 -11.00 -8.36
N CYS A 94 4.30 -12.29 -8.69
CA CYS A 94 3.22 -12.79 -9.56
C CYS A 94 1.83 -12.69 -8.96
N VAL A 95 1.69 -13.16 -7.72
CA VAL A 95 0.46 -13.04 -6.98
C VAL A 95 0.04 -11.57 -6.84
N THR A 96 1.01 -10.69 -6.63
CA THR A 96 0.70 -9.30 -6.41
C THR A 96 0.19 -8.63 -7.70
N ALA A 97 0.88 -8.88 -8.81
CA ALA A 97 0.48 -8.36 -10.12
C ALA A 97 -0.87 -8.94 -10.55
N SER A 98 -1.11 -10.20 -10.20
CA SER A 98 -2.36 -10.86 -10.55
C SER A 98 -3.57 -10.22 -9.92
N ILE A 99 -3.52 -9.98 -8.61
CA ILE A 99 -4.66 -9.39 -7.91
C ILE A 99 -4.76 -7.87 -8.21
N GLU A 100 -3.63 -7.23 -8.45
CA GLU A 100 -3.68 -5.83 -8.82
C GLU A 100 -4.23 -5.65 -10.22
N THR A 101 -3.97 -6.61 -11.11
CA THR A 101 -4.52 -6.56 -12.47
C THR A 101 -6.03 -6.80 -12.44
N LEU A 102 -6.48 -7.76 -11.63
CA LEU A 102 -7.92 -7.96 -11.39
C LEU A 102 -8.64 -6.71 -10.86
N CYS A 103 -7.96 -5.91 -10.07
CA CYS A 103 -8.55 -4.66 -9.61
C CYS A 103 -8.76 -3.68 -10.76
N VAL A 104 -7.71 -3.50 -11.55
CA VAL A 104 -7.78 -2.66 -12.73
C VAL A 104 -8.98 -3.08 -13.59
N ILE A 105 -9.10 -4.40 -13.87
CA ILE A 105 -10.18 -4.96 -14.69
C ILE A 105 -11.56 -4.60 -14.11
N ALA A 106 -11.74 -4.83 -12.81
CA ALA A 106 -13.03 -4.48 -12.19
C ALA A 106 -13.27 -2.98 -12.28
N ILE A 107 -12.22 -2.19 -12.13
CA ILE A 107 -12.38 -0.74 -12.26
C ILE A 107 -12.73 -0.35 -13.70
N ASP A 108 -11.97 -0.86 -14.67
CA ASP A 108 -12.23 -0.66 -16.09
C ASP A 108 -13.70 -0.91 -16.37
N ARG A 109 -14.23 -2.03 -15.86
CA ARG A 109 -15.62 -2.40 -16.12
C ARG A 109 -16.61 -1.50 -15.45
N TYR A 110 -16.33 -1.10 -14.21
CA TYR A 110 -17.21 -0.18 -13.48
C TYR A 110 -17.36 1.13 -14.22
N LEU A 111 -16.25 1.68 -14.69
CA LEU A 111 -16.23 2.92 -15.45
C LEU A 111 -17.03 2.79 -16.76
N ALA A 112 -16.75 1.74 -17.53
CA ALA A 112 -17.34 1.54 -18.84
C ALA A 112 -18.84 1.37 -18.76
N ILE A 113 -19.32 1.01 -17.58
CA ILE A 113 -20.72 0.63 -17.40
C ILE A 113 -21.59 1.73 -16.78
N THR A 114 -21.02 2.64 -16.00
CA THR A 114 -21.83 3.71 -15.41
C THR A 114 -21.48 5.08 -15.97
N SER A 115 -20.43 5.16 -16.78
CA SER A 115 -20.07 6.42 -17.44
C SER A 115 -19.59 6.17 -18.88
N PRO A 116 -20.38 5.41 -19.66
CA PRO A 116 -19.92 5.03 -21.00
C PRO A 116 -19.41 6.20 -21.82
N PHE A 117 -19.91 7.41 -21.55
CA PHE A 117 -19.40 8.58 -22.26
C PHE A 117 -18.02 9.04 -21.73
N ARG A 118 -17.93 9.20 -20.41
CA ARG A 118 -16.66 9.59 -19.78
C ARG A 118 -15.59 8.55 -20.08
N TYR A 119 -15.96 7.27 -19.92
CA TYR A 119 -15.08 6.15 -20.23
C TYR A 119 -14.52 6.20 -21.67
N GLN A 120 -15.37 6.48 -22.65
CA GLN A 120 -14.94 6.49 -24.04
C GLN A 120 -13.86 7.55 -24.30
N SER A 121 -14.09 8.76 -23.82
CA SER A 121 -13.16 9.85 -24.07
C SER A 121 -11.90 9.79 -23.21
N LEU A 122 -11.93 8.96 -22.17
CA LEU A 122 -10.77 8.75 -21.30
C LEU A 122 -9.85 7.59 -21.69
N MET A 123 -10.40 6.39 -21.87
CA MET A 123 -9.63 5.16 -22.11
C MET A 123 -9.10 4.96 -23.54
N THR A 124 -7.77 5.04 -23.70
CA THR A 124 -7.10 4.80 -24.97
C THR A 124 -6.10 3.64 -24.84
N ARG A 125 -5.44 3.30 -25.94
CA ARG A 125 -4.45 2.22 -25.94
C ARG A 125 -3.18 2.62 -25.21
N ALA A 126 -2.68 3.83 -25.49
CA ALA A 126 -1.47 4.37 -24.83
C ALA A 126 -1.64 4.43 -23.30
N ARG A 127 -2.88 4.67 -22.85
CA ARG A 127 -3.20 4.75 -21.44
C ARG A 127 -3.37 3.39 -20.76
N ALA A 128 -3.92 2.42 -21.49
CA ALA A 128 -4.02 1.05 -20.98
C ALA A 128 -2.64 0.40 -20.83
N LYS A 129 -1.70 0.77 -21.69
CA LYS A 129 -0.29 0.43 -21.51
C LYS A 129 0.30 1.03 -20.23
N VAL A 130 0.03 2.31 -19.98
CA VAL A 130 0.54 2.99 -18.81
C VAL A 130 0.02 2.29 -17.57
N ILE A 131 -1.30 2.04 -17.52
CA ILE A 131 -1.89 1.28 -16.42
C ILE A 131 -1.12 -0.02 -16.14
N ILE A 132 -0.96 -0.83 -17.18
CA ILE A 132 -0.33 -2.14 -17.04
C ILE A 132 1.08 -2.06 -16.44
N CYS A 133 1.89 -1.11 -16.91
CA CYS A 133 3.23 -0.94 -16.38
C CYS A 133 3.23 -0.40 -14.95
N THR A 134 2.36 0.56 -14.68
CA THR A 134 2.24 1.10 -13.34
C THR A 134 1.93 -0.03 -12.37
N VAL A 135 1.06 -0.95 -12.78
CA VAL A 135 0.71 -2.13 -11.98
C VAL A 135 1.94 -3.01 -11.73
N TRP A 136 2.69 -3.31 -12.78
CA TRP A 136 3.92 -4.09 -12.61
C TRP A 136 5.01 -3.39 -11.77
N ALA A 137 5.06 -2.06 -11.83
CA ALA A 137 6.02 -1.28 -11.06
C ALA A 137 5.70 -1.32 -9.57
N ILE A 138 4.44 -0.98 -9.25
CA ILE A 138 3.90 -1.05 -7.89
C ILE A 138 4.14 -2.45 -7.30
N SER A 139 3.86 -3.47 -8.10
CA SER A 139 4.01 -4.86 -7.68
C SER A 139 5.45 -5.26 -7.42
N ALA A 140 6.37 -4.83 -8.28
CA ALA A 140 7.78 -5.12 -8.14
C ALA A 140 8.35 -4.36 -6.96
N LEU A 141 7.84 -3.15 -6.73
CA LEU A 141 8.24 -2.32 -5.60
C LEU A 141 7.93 -3.05 -4.29
N VAL A 142 6.70 -3.50 -4.17
CA VAL A 142 6.16 -4.12 -2.96
C VAL A 142 6.64 -5.56 -2.70
N SER A 143 7.27 -6.19 -3.70
CA SER A 143 7.68 -7.59 -3.59
C SER A 143 9.18 -7.81 -3.62
N PHE A 144 9.90 -7.23 -4.60
CA PHE A 144 11.38 -7.33 -4.69
C PHE A 144 12.14 -6.64 -3.59
N LEU A 145 11.90 -5.35 -3.43
CA LEU A 145 12.66 -4.59 -2.48
C LEU A 145 12.69 -5.19 -1.06
N PRO A 146 11.54 -5.50 -0.45
CA PRO A 146 11.62 -6.00 0.93
C PRO A 146 12.32 -7.35 1.02
N ILE A 147 12.25 -8.09 -0.08
CA ILE A 147 12.87 -9.40 -0.11
C ILE A 147 14.38 -9.28 -0.33
N MET A 148 14.79 -8.47 -1.30
CA MET A 148 16.21 -8.27 -1.55
C MET A 148 16.87 -7.39 -0.47
N MET A 149 16.06 -6.68 0.30
CA MET A 149 16.59 -5.96 1.44
C MET A 149 16.48 -6.73 2.76
N HIS A 150 16.08 -7.99 2.70
CA HIS A 150 16.03 -8.90 3.85
C HIS A 150 15.12 -8.49 5.02
N TRP A 151 14.15 -7.62 4.73
CA TRP A 151 13.15 -7.19 5.71
C TRP A 151 12.30 -8.35 6.17
N TRP A 152 12.34 -9.45 5.41
CA TRP A 152 11.56 -10.64 5.70
C TRP A 152 12.22 -11.57 6.73
N ARG A 153 13.51 -11.35 7.03
CA ARG A 153 14.32 -12.25 7.88
C ARG A 153 14.04 -12.23 9.37
N ASP A 154 14.37 -13.33 10.04
CA ASP A 154 14.12 -13.47 11.47
C ASP A 154 15.37 -13.84 12.26
N GLU A 155 15.28 -13.71 13.58
CA GLU A 155 16.42 -13.82 14.48
C GLU A 155 16.46 -15.18 15.16
N ASP A 156 15.32 -15.87 15.09
CA ASP A 156 15.12 -17.23 15.59
C ASP A 156 16.33 -18.13 15.34
N PRO A 157 16.53 -19.14 16.19
CA PRO A 157 17.55 -20.16 15.94
C PRO A 157 17.26 -20.95 14.64
N GLN A 158 16.05 -21.48 14.54
CA GLN A 158 15.51 -22.12 13.33
C GLN A 158 15.79 -21.33 12.05
N ALA A 159 15.49 -20.03 12.11
CA ALA A 159 15.61 -19.14 10.96
C ALA A 159 17.04 -19.13 10.42
N LEU A 160 18.00 -18.95 11.34
CA LEU A 160 19.42 -18.91 11.02
C LEU A 160 19.99 -20.28 10.63
N LYS A 161 19.46 -21.34 11.24
CA LYS A 161 19.75 -22.71 10.80
C LYS A 161 19.64 -22.78 9.27
N CYS A 162 18.52 -22.26 8.76
CA CYS A 162 18.15 -22.34 7.37
C CYS A 162 18.86 -21.33 6.45
N TYR A 163 19.04 -20.08 6.90
CA TYR A 163 19.64 -19.04 6.02
C TYR A 163 21.10 -19.32 5.71
N GLN A 164 21.81 -19.95 6.64
CA GLN A 164 23.20 -20.32 6.41
C GLN A 164 23.30 -21.51 5.44
N ASP A 165 22.44 -22.52 5.65
CA ASP A 165 22.37 -23.72 4.79
C ASP A 165 21.91 -23.40 3.35
N PRO A 166 22.77 -23.72 2.35
CA PRO A 166 22.44 -23.46 0.95
C PRO A 166 21.40 -24.42 0.37
N GLY A 167 21.06 -25.48 1.10
CA GLY A 167 20.13 -26.45 0.60
C GLY A 167 18.73 -26.15 1.08
N CYS A 168 18.62 -25.09 1.88
CA CYS A 168 17.34 -24.67 2.46
C CYS A 168 16.82 -23.45 1.70
N CYS A 169 15.60 -23.58 1.19
CA CYS A 169 14.87 -22.45 0.64
C CYS A 169 13.46 -22.48 1.18
N ASP A 170 13.35 -22.36 2.50
CA ASP A 170 12.10 -22.50 3.24
C ASP A 170 11.22 -21.25 3.26
N PHE A 171 11.85 -20.08 3.26
CA PHE A 171 11.14 -18.78 3.38
C PHE A 171 10.49 -18.61 4.76
N VAL A 172 11.32 -18.78 5.78
CA VAL A 172 10.99 -18.52 7.15
C VAL A 172 11.03 -17.00 7.34
N THR A 173 9.90 -16.36 7.62
CA THR A 173 9.92 -14.89 7.75
C THR A 173 9.60 -14.49 9.18
N ASN A 174 9.70 -13.21 9.52
CA ASN A 174 9.27 -12.70 10.83
C ASN A 174 7.76 -12.34 10.82
N ARG A 175 7.17 -12.14 12.01
CA ARG A 175 5.73 -11.85 12.12
C ARG A 175 5.29 -10.53 11.45
N ALA A 176 6.20 -9.56 11.42
CA ALA A 176 5.89 -8.25 10.86
C ALA A 176 5.74 -8.33 9.35
N TYR A 177 6.73 -8.93 8.69
CA TYR A 177 6.70 -9.14 7.25
C TYR A 177 5.48 -9.97 6.83
N ALA A 178 5.18 -11.02 7.58
CA ALA A 178 4.04 -11.88 7.25
C ALA A 178 2.73 -11.08 7.16
N ILE A 179 2.53 -10.18 8.11
CA ILE A 179 1.27 -9.47 8.15
C ILE A 179 1.30 -8.30 7.13
N ALA A 180 2.40 -7.56 7.12
CA ALA A 180 2.56 -6.46 6.19
C ALA A 180 2.39 -6.93 4.76
N SER A 181 3.14 -7.97 4.43
CA SER A 181 3.16 -8.53 3.09
C SER A 181 1.78 -9.00 2.68
N SER A 182 1.10 -9.71 3.58
CA SER A 182 -0.24 -10.19 3.28
C SER A 182 -1.22 -9.06 3.05
N ILE A 183 -1.19 -8.05 3.91
CA ILE A 183 -2.10 -6.91 3.80
C ILE A 183 -1.81 -6.12 2.52
N ILE A 184 -0.53 -5.87 2.26
CA ILE A 184 -0.17 -5.00 1.13
C ILE A 184 -0.24 -5.69 -0.21
N SER A 185 0.23 -6.94 -0.29
CA SER A 185 0.18 -7.71 -1.53
C SER A 185 -1.16 -8.35 -1.87
N PHE A 186 -1.95 -8.70 -0.88
CA PHE A 186 -3.16 -9.47 -1.14
C PHE A 186 -4.43 -8.81 -0.61
N TYR A 187 -4.53 -8.66 0.72
CA TYR A 187 -5.79 -8.27 1.35
C TYR A 187 -6.39 -6.95 0.87
N ILE A 188 -5.57 -5.91 0.76
CA ILE A 188 -6.10 -4.61 0.33
C ILE A 188 -6.64 -4.65 -1.10
N PRO A 189 -5.83 -5.13 -2.09
CA PRO A 189 -6.41 -5.28 -3.41
C PRO A 189 -7.61 -6.27 -3.42
N LEU A 190 -7.55 -7.36 -2.65
CA LEU A 190 -8.68 -8.29 -2.57
C LEU A 190 -9.99 -7.60 -2.17
N LEU A 191 -9.90 -6.67 -1.21
CA LEU A 191 -11.07 -5.94 -0.71
C LEU A 191 -11.59 -4.92 -1.71
N ILE A 192 -10.67 -4.18 -2.34
CA ILE A 192 -10.99 -3.24 -3.41
C ILE A 192 -11.66 -3.97 -4.56
N MET A 193 -11.12 -5.14 -4.91
CA MET A 193 -11.67 -5.90 -6.01
C MET A 193 -13.02 -6.49 -5.68
N ILE A 194 -13.30 -6.80 -4.41
CA ILE A 194 -14.64 -7.26 -4.05
C ILE A 194 -15.67 -6.13 -4.14
N PHE A 195 -15.43 -5.06 -3.37
CA PHE A 195 -16.27 -3.85 -3.38
C PHE A 195 -16.60 -3.47 -4.82
N VAL A 196 -15.60 -3.20 -5.66
CA VAL A 196 -15.83 -2.78 -7.04
C VAL A 196 -16.55 -3.84 -7.88
N ALA A 197 -16.35 -5.12 -7.57
CA ALA A 197 -17.05 -6.20 -8.26
C ALA A 197 -18.53 -6.30 -7.91
N LEU A 198 -18.92 -5.91 -6.70
CA LEU A 198 -20.35 -5.92 -6.34
C LEU A 198 -21.06 -4.64 -6.76
N ARG A 199 -20.37 -3.51 -6.79
CA ARG A 199 -20.89 -2.31 -7.45
C ARG A 199 -21.20 -2.60 -8.91
N VAL A 200 -20.25 -3.23 -9.61
CA VAL A 200 -20.43 -3.64 -10.98
C VAL A 200 -21.62 -4.58 -11.13
N TYR A 201 -21.84 -5.44 -10.14
CA TYR A 201 -22.97 -6.39 -10.17
C TYR A 201 -24.31 -5.73 -9.86
N ARG A 202 -24.28 -4.64 -9.10
CA ARG A 202 -25.49 -3.85 -8.85
C ARG A 202 -25.94 -3.26 -10.19
N GLU A 203 -25.09 -2.41 -10.77
CA GLU A 203 -25.41 -1.71 -12.02
C GLU A 203 -25.60 -2.64 -13.22
N ALA A 204 -25.22 -3.89 -13.04
CA ALA A 204 -25.42 -4.91 -14.07
C ALA A 204 -26.87 -5.37 -14.12
N LYS A 205 -27.43 -5.69 -12.95
CA LYS A 205 -28.82 -6.16 -12.84
C LYS A 205 -29.80 -5.04 -13.17
N GLU A 206 -29.42 -3.81 -12.81
CA GLU A 206 -30.23 -2.63 -13.05
C GLU A 206 -30.13 -2.20 -14.52
N GLN A 207 -30.48 -3.11 -15.43
CA GLN A 207 -30.44 -2.90 -16.89
C GLN A 207 -31.50 -3.76 -17.60
N SER A 220 -30.24 -5.73 -29.36
CA SER A 220 -30.30 -4.88 -28.17
C SER A 220 -30.52 -5.64 -26.84
N ARG A 221 -31.44 -6.61 -26.80
CA ARG A 221 -31.48 -7.60 -25.71
C ARG A 221 -30.40 -8.67 -25.94
N VAL A 222 -30.23 -9.09 -27.21
CA VAL A 222 -29.15 -10.00 -27.62
C VAL A 222 -27.77 -9.37 -27.29
N MET A 223 -27.64 -8.08 -27.59
CA MET A 223 -26.41 -7.31 -27.31
C MET A 223 -26.09 -7.23 -25.81
N LEU A 224 -27.11 -7.07 -24.98
CA LEU A 224 -26.91 -6.99 -23.52
C LEU A 224 -26.66 -8.35 -22.87
N MET A 225 -27.13 -9.42 -23.50
CA MET A 225 -26.91 -10.78 -22.99
C MET A 225 -25.48 -11.18 -23.25
N ARG A 226 -24.97 -10.79 -24.41
CA ARG A 226 -23.62 -11.09 -24.84
C ARG A 226 -22.59 -10.38 -23.95
N GLU A 227 -22.95 -9.18 -23.50
CA GLU A 227 -22.12 -8.41 -22.59
C GLU A 227 -22.09 -9.03 -21.21
N HIS A 228 -23.26 -9.33 -20.68
CA HIS A 228 -23.38 -9.96 -19.37
C HIS A 228 -22.76 -11.35 -19.35
N LYS A 229 -22.62 -12.00 -20.51
CA LYS A 229 -21.90 -13.25 -20.56
C LYS A 229 -20.41 -12.99 -20.29
N ALA A 230 -19.87 -11.95 -20.94
CA ALA A 230 -18.47 -11.56 -20.77
C ALA A 230 -18.15 -11.11 -19.34
N LEU A 231 -19.05 -10.36 -18.72
CA LEU A 231 -18.90 -9.90 -17.33
C LEU A 231 -18.89 -11.03 -16.32
N LYS A 232 -19.73 -12.03 -16.53
CA LYS A 232 -19.75 -13.20 -15.65
C LYS A 232 -18.44 -13.98 -15.77
N THR A 233 -17.92 -14.08 -17.00
CA THR A 233 -16.63 -14.71 -17.22
C THR A 233 -15.59 -14.04 -16.30
N LEU A 234 -15.48 -12.72 -16.42
CA LEU A 234 -14.61 -11.93 -15.55
C LEU A 234 -14.93 -12.16 -14.08
N GLY A 235 -16.21 -12.20 -13.74
CA GLY A 235 -16.66 -12.54 -12.39
C GLY A 235 -16.09 -13.87 -11.92
N ILE A 236 -16.14 -14.88 -12.79
CA ILE A 236 -15.60 -16.22 -12.46
C ILE A 236 -14.07 -16.17 -12.27
N ILE A 237 -13.36 -15.54 -13.22
CA ILE A 237 -11.91 -15.28 -13.12
C ILE A 237 -11.51 -14.87 -11.71
N MET A 238 -12.16 -13.82 -11.21
CA MET A 238 -11.95 -13.24 -9.88
C MET A 238 -12.31 -14.16 -8.73
N GLY A 239 -13.51 -14.73 -8.76
CA GLY A 239 -13.96 -15.64 -7.70
C GLY A 239 -13.09 -16.88 -7.55
N VAL A 240 -12.56 -17.41 -8.65
CA VAL A 240 -11.70 -18.59 -8.60
C VAL A 240 -10.31 -18.22 -8.10
N PHE A 241 -9.79 -17.07 -8.53
CA PHE A 241 -8.52 -16.56 -7.99
C PHE A 241 -8.61 -16.38 -6.49
N THR A 242 -9.77 -15.90 -6.02
CA THR A 242 -10.02 -15.71 -4.60
C THR A 242 -10.12 -17.02 -3.81
N LEU A 243 -10.80 -18.03 -4.36
CA LEU A 243 -10.82 -19.35 -3.72
C LEU A 243 -9.46 -20.06 -3.70
N CYS A 244 -8.68 -19.97 -4.77
CA CYS A 244 -7.35 -20.56 -4.78
C CYS A 244 -6.33 -19.91 -3.83
N TRP A 245 -6.49 -18.61 -3.54
CA TRP A 245 -5.52 -17.89 -2.69
C TRP A 245 -6.00 -17.53 -1.29
N LEU A 246 -7.30 -17.25 -1.12
CA LEU A 246 -7.76 -16.87 0.21
C LEU A 246 -7.38 -17.86 1.32
N PRO A 247 -7.46 -19.20 1.06
CA PRO A 247 -7.13 -20.13 2.15
C PRO A 247 -5.67 -20.02 2.63
N PHE A 248 -4.73 -19.83 1.72
CA PHE A 248 -3.33 -19.63 2.07
C PHE A 248 -3.05 -18.35 2.87
N PHE A 249 -3.59 -17.21 2.42
CA PHE A 249 -3.35 -15.95 3.12
C PHE A 249 -4.11 -15.85 4.44
N LEU A 250 -5.17 -16.63 4.61
CA LEU A 250 -5.82 -16.73 5.91
C LEU A 250 -4.91 -17.50 6.86
N VAL A 251 -4.33 -18.59 6.39
CA VAL A 251 -3.44 -19.40 7.22
C VAL A 251 -2.15 -18.65 7.49
N ASN A 252 -1.67 -17.91 6.50
CA ASN A 252 -0.47 -17.11 6.69
C ASN A 252 -0.60 -16.23 7.92
N ILE A 253 -1.74 -15.52 8.01
CA ILE A 253 -2.08 -14.67 9.16
C ILE A 253 -2.16 -15.48 10.45
N VAL A 254 -3.06 -16.45 10.49
CA VAL A 254 -3.29 -17.23 11.71
C VAL A 254 -2.01 -17.85 12.30
N ASN A 255 -1.12 -18.35 11.45
CA ASN A 255 0.18 -18.83 11.94
C ASN A 255 0.90 -17.86 12.88
N VAL A 256 0.82 -16.57 12.57
CA VAL A 256 1.51 -15.55 13.37
C VAL A 256 1.05 -15.55 14.84
N PHE A 257 -0.19 -16.01 15.07
CA PHE A 257 -0.83 -16.03 16.38
C PHE A 257 -0.86 -17.41 17.04
N ASN A 258 -0.75 -18.47 16.24
CA ASN A 258 -0.90 -19.84 16.70
C ASN A 258 -0.52 -20.86 15.61
N ARG A 259 0.67 -21.45 15.73
CA ARG A 259 1.14 -22.47 14.79
C ARG A 259 0.49 -23.83 14.97
N ASP A 260 -0.32 -23.96 16.02
CA ASP A 260 -0.88 -25.25 16.38
C ASP A 260 -2.28 -25.41 15.82
N LEU A 261 -2.84 -24.31 15.36
CA LEU A 261 -4.21 -24.32 14.91
C LEU A 261 -4.43 -24.98 13.54
N VAL A 262 -3.38 -25.08 12.71
CA VAL A 262 -3.53 -25.63 11.34
C VAL A 262 -2.35 -26.55 10.93
N PRO A 263 -2.65 -27.82 10.57
CA PRO A 263 -1.59 -28.80 10.27
C PRO A 263 -0.65 -28.31 9.18
N ASP A 264 0.65 -28.54 9.34
CA ASP A 264 1.58 -28.02 8.36
C ASP A 264 1.31 -28.42 6.88
N TRP A 265 1.02 -29.70 6.63
CA TRP A 265 0.74 -30.22 5.26
C TRP A 265 -0.33 -29.42 4.49
N LEU A 266 -1.33 -28.94 5.23
CA LEU A 266 -2.44 -28.19 4.65
C LEU A 266 -2.03 -26.77 4.29
N PHE A 267 -1.16 -26.19 5.12
CA PHE A 267 -0.54 -24.90 4.80
C PHE A 267 0.28 -24.99 3.53
N VAL A 268 0.98 -26.12 3.32
CA VAL A 268 1.71 -26.36 2.06
C VAL A 268 0.71 -26.54 0.88
N ALA A 269 -0.33 -27.38 1.11
CA ALA A 269 -1.37 -27.64 0.10
C ALA A 269 -1.93 -26.35 -0.43
N PHE A 270 -2.50 -25.55 0.47
CA PHE A 270 -2.96 -24.21 0.16
C PHE A 270 -2.00 -23.37 -0.68
N ASN A 271 -0.69 -23.47 -0.48
CA ASN A 271 0.22 -22.72 -1.35
C ASN A 271 0.19 -23.28 -2.78
N TRP A 272 0.03 -24.60 -2.92
CA TRP A 272 0.00 -25.20 -4.26
C TRP A 272 -1.29 -24.91 -5.00
N LEU A 273 -2.38 -24.98 -4.27
CA LEU A 273 -3.64 -24.54 -4.80
C LEU A 273 -3.46 -23.16 -5.44
N GLY A 274 -2.67 -22.29 -4.79
CA GLY A 274 -2.33 -20.97 -5.32
C GLY A 274 -1.65 -21.06 -6.67
N TYR A 275 -0.54 -21.79 -6.74
CA TYR A 275 0.16 -22.00 -8.00
C TYR A 275 -0.76 -22.54 -9.10
N ALA A 276 -1.67 -23.43 -8.71
CA ALA A 276 -2.60 -24.07 -9.64
C ALA A 276 -3.55 -23.09 -10.38
N ASN A 277 -3.89 -21.99 -9.72
CA ASN A 277 -4.74 -20.99 -10.32
C ASN A 277 -4.23 -20.48 -11.68
N SER A 278 -2.91 -20.53 -11.89
CA SER A 278 -2.29 -20.09 -13.16
C SER A 278 -2.75 -20.93 -14.38
N ALA A 279 -3.27 -22.11 -14.10
CA ALA A 279 -3.75 -23.05 -15.12
C ALA A 279 -5.19 -22.81 -15.51
N MET A 280 -5.95 -22.12 -14.65
CA MET A 280 -7.41 -22.07 -14.78
C MET A 280 -8.03 -21.05 -15.73
N ASN A 281 -7.44 -19.86 -15.84
CA ASN A 281 -7.98 -18.82 -16.72
C ASN A 281 -8.16 -19.24 -18.17
N PRO A 282 -7.16 -19.91 -18.78
CA PRO A 282 -7.34 -20.29 -20.17
C PRO A 282 -8.52 -21.23 -20.36
N ILE A 283 -8.72 -22.15 -19.41
CA ILE A 283 -9.89 -23.05 -19.45
C ILE A 283 -11.19 -22.26 -19.31
N ILE A 284 -11.23 -21.31 -18.39
CA ILE A 284 -12.41 -20.51 -18.14
C ILE A 284 -12.75 -19.57 -19.33
N TYR A 285 -11.74 -19.07 -20.04
CA TYR A 285 -11.96 -18.26 -21.25
C TYR A 285 -12.59 -19.08 -22.41
N CYS A 286 -12.86 -20.36 -22.16
CA CYS A 286 -13.54 -21.21 -23.13
C CYS A 286 -15.06 -21.09 -23.05
N ARG A 287 -15.55 -20.13 -22.28
CA ARG A 287 -16.97 -19.78 -22.31
C ARG A 287 -17.22 -18.86 -23.50
N SER A 288 -16.13 -18.25 -23.97
CA SER A 288 -16.16 -17.29 -25.07
C SER A 288 -16.05 -18.02 -26.40
N PRO A 289 -17.04 -17.78 -27.31
CA PRO A 289 -16.97 -18.30 -28.70
C PRO A 289 -15.73 -17.78 -29.44
N ASP A 290 -15.48 -16.47 -29.29
CA ASP A 290 -14.32 -15.79 -29.90
C ASP A 290 -12.97 -16.41 -29.50
N PHE A 291 -12.78 -16.63 -28.20
CA PHE A 291 -11.56 -17.28 -27.69
C PHE A 291 -11.46 -18.72 -28.22
N ARG A 292 -12.59 -19.42 -28.22
CA ARG A 292 -12.65 -20.83 -28.60
C ARG A 292 -12.31 -21.05 -30.08
N LYS A 293 -12.75 -20.12 -30.92
CA LYS A 293 -12.43 -20.16 -32.36
C LYS A 293 -10.97 -19.87 -32.64
N ALA A 294 -10.38 -18.99 -31.83
CA ALA A 294 -8.97 -18.63 -31.95
C ALA A 294 -8.06 -19.71 -31.36
N PHE A 295 -8.58 -20.47 -30.39
CA PHE A 295 -7.83 -21.57 -29.78
C PHE A 295 -7.61 -22.71 -30.77
N LYS A 296 -8.68 -23.02 -31.50
CA LYS A 296 -8.64 -24.06 -32.54
C LYS A 296 -7.79 -23.63 -33.74
N ARG A 297 -8.11 -22.46 -34.31
CA ARG A 297 -7.34 -21.87 -35.40
C ARG A 297 -5.82 -21.87 -35.12
N LEU A 298 -5.45 -21.57 -33.89
CA LEU A 298 -4.04 -21.53 -33.49
C LEU A 298 -3.42 -22.92 -33.44
N LEU A 299 -4.05 -23.82 -32.68
CA LEU A 299 -3.53 -25.19 -32.50
C LEU A 299 -3.28 -25.93 -33.84
N ALA A 300 -3.81 -25.37 -34.93
CA ALA A 300 -3.61 -25.86 -36.31
C ALA A 300 -4.08 -27.29 -36.54
N ALA B 3 10.82 48.37 -7.41
CA ALA B 3 11.43 47.22 -8.15
C ALA B 3 12.34 46.37 -7.27
N GLU B 4 13.59 46.79 -7.11
CA GLU B 4 14.57 46.09 -6.27
C GLU B 4 14.31 46.29 -4.78
N LEU B 5 13.48 47.26 -4.44
CA LEU B 5 13.04 47.48 -3.06
C LEU B 5 11.90 46.55 -2.75
N LEU B 6 10.97 46.43 -3.70
CA LEU B 6 9.80 45.57 -3.59
C LEU B 6 10.20 44.10 -3.37
N SER B 7 11.34 43.75 -3.94
CA SER B 7 11.95 42.45 -3.73
C SER B 7 12.56 42.27 -2.32
N GLN B 8 13.44 43.18 -1.89
CA GLN B 8 14.04 43.13 -0.55
C GLN B 8 13.01 43.09 0.57
N GLN B 9 11.92 43.85 0.40
CA GLN B 9 10.85 43.87 1.38
C GLN B 9 10.31 42.46 1.52
N TRP B 10 9.87 41.93 0.39
CA TRP B 10 9.26 40.61 0.32
C TRP B 10 10.22 39.49 0.75
N GLU B 11 11.46 39.54 0.27
CA GLU B 11 12.48 38.57 0.67
C GLU B 11 12.66 38.47 2.17
N ALA B 12 12.78 39.64 2.83
CA ALA B 12 13.11 39.67 4.25
C ALA B 12 11.92 39.36 5.15
N GLY B 13 10.72 39.78 4.73
CA GLY B 13 9.49 39.52 5.48
C GLY B 13 9.09 38.06 5.44
N MET B 14 9.36 37.43 4.29
CA MET B 14 9.08 36.02 4.07
C MET B 14 10.09 35.17 4.82
N SER B 15 11.37 35.53 4.74
CA SER B 15 12.41 34.87 5.53
C SER B 15 12.06 34.86 7.01
N LEU B 16 11.21 35.80 7.42
CA LEU B 16 10.89 35.94 8.82
C LEU B 16 9.74 35.01 9.18
N LEU B 17 8.69 35.04 8.37
CA LEU B 17 7.54 34.16 8.52
C LEU B 17 8.00 32.69 8.51
N MET B 18 8.92 32.38 7.59
CA MET B 18 9.50 31.04 7.48
C MET B 18 10.29 30.65 8.72
N ALA B 19 11.17 31.52 9.20
CA ALA B 19 11.95 31.22 10.41
C ALA B 19 11.01 31.02 11.59
N LEU B 20 9.89 31.74 11.60
CA LEU B 20 8.88 31.60 12.66
C LEU B 20 8.26 30.19 12.63
N VAL B 21 7.77 29.77 11.45
CA VAL B 21 7.22 28.43 11.23
C VAL B 21 8.21 27.34 11.61
N VAL B 22 9.44 27.41 11.08
CA VAL B 22 10.52 26.49 11.46
C VAL B 22 10.66 26.38 12.97
N LEU B 23 10.74 27.54 13.62
CA LEU B 23 10.89 27.62 15.06
C LEU B 23 9.71 27.02 15.84
N LEU B 24 8.49 27.29 15.38
CA LEU B 24 7.28 26.78 15.99
C LEU B 24 7.17 25.25 15.88
N ILE B 25 7.40 24.70 14.69
CA ILE B 25 7.43 23.25 14.49
C ILE B 25 8.53 22.61 15.33
N VAL B 26 9.75 23.14 15.26
CA VAL B 26 10.90 22.54 15.97
C VAL B 26 10.78 22.62 17.51
N ALA B 27 10.27 23.74 18.02
CA ALA B 27 10.09 23.91 19.46
C ALA B 27 8.95 23.01 19.93
N GLY B 28 7.80 23.14 19.28
CA GLY B 28 6.62 22.37 19.60
C GLY B 28 6.88 20.87 19.75
N ASN B 29 7.60 20.30 18.79
CA ASN B 29 7.75 18.85 18.70
C ASN B 29 8.86 18.32 19.57
N VAL B 30 9.93 19.11 19.73
CA VAL B 30 10.99 18.77 20.69
C VAL B 30 10.34 18.66 22.08
N LEU B 31 9.45 19.59 22.38
CA LEU B 31 8.71 19.57 23.63
C LEU B 31 7.98 18.26 23.81
N VAL B 32 7.20 17.86 22.81
CA VAL B 32 6.49 16.59 22.88
C VAL B 32 7.45 15.42 23.15
N ILE B 33 8.50 15.30 22.34
CA ILE B 33 9.46 14.18 22.51
C ILE B 33 10.09 14.19 23.91
N ALA B 34 10.54 15.35 24.36
CA ALA B 34 11.13 15.49 25.71
C ALA B 34 10.14 15.14 26.85
N ALA B 35 8.91 15.64 26.72
CA ALA B 35 7.85 15.41 27.72
C ALA B 35 7.52 13.92 27.92
N ILE B 36 7.18 13.22 26.84
CA ILE B 36 6.97 11.79 26.87
C ILE B 36 8.18 11.13 27.50
N GLY B 37 9.36 11.59 27.08
CA GLY B 37 10.62 10.95 27.47
C GLY B 37 10.99 10.99 28.94
N SER B 38 10.28 11.81 29.73
CA SER B 38 10.73 12.13 31.08
C SER B 38 9.62 12.07 32.12
N THR B 39 8.40 12.52 31.76
CA THR B 39 7.22 12.38 32.61
C THR B 39 6.85 10.90 32.70
N GLN B 40 6.92 10.30 33.89
CA GLN B 40 6.60 8.88 34.01
C GLN B 40 5.14 8.61 33.69
N ARG B 41 4.26 9.52 34.10
CA ARG B 41 2.83 9.40 33.84
C ARG B 41 2.43 9.40 32.34
N LEU B 42 3.37 9.75 31.45
CA LEU B 42 3.09 9.85 30.01
C LEU B 42 3.70 8.72 29.19
N GLN B 43 4.27 7.73 29.86
CA GLN B 43 4.99 6.66 29.19
C GLN B 43 4.13 5.46 28.80
N THR B 44 2.97 5.76 28.25
CA THR B 44 2.05 4.76 27.66
C THR B 44 2.56 4.22 26.30
N LEU B 45 2.03 3.07 25.87
CA LEU B 45 2.35 2.54 24.53
C LEU B 45 1.87 3.51 23.46
N THR B 46 0.64 4.01 23.60
CA THR B 46 0.04 4.90 22.61
C THR B 46 0.96 6.08 22.30
N ASN B 47 1.68 6.54 23.32
CA ASN B 47 2.54 7.70 23.18
C ASN B 47 3.83 7.42 22.44
N LEU B 48 4.20 6.14 22.37
CA LEU B 48 5.31 5.74 21.52
C LEU B 48 4.97 6.03 20.07
N PHE B 49 3.72 5.81 19.69
CA PHE B 49 3.29 6.17 18.36
C PHE B 49 3.30 7.70 18.20
N ILE B 50 2.83 8.42 19.22
CA ILE B 50 2.85 9.89 19.26
C ILE B 50 4.28 10.43 19.07
N THR B 51 5.26 9.79 19.72
CA THR B 51 6.67 10.14 19.51
C THR B 51 7.09 9.94 18.07
N SER B 52 6.70 8.81 17.49
CA SER B 52 7.00 8.49 16.10
C SER B 52 6.44 9.58 15.16
N LEU B 53 5.17 9.95 15.40
CA LEU B 53 4.49 11.00 14.64
C LEU B 53 5.21 12.34 14.79
N ALA B 54 5.64 12.63 16.01
CA ALA B 54 6.33 13.89 16.31
C ALA B 54 7.73 13.96 15.68
N CYS B 55 8.37 12.81 15.50
CA CYS B 55 9.62 12.72 14.73
C CYS B 55 9.38 13.07 13.27
N ALA B 56 8.30 12.56 12.69
CA ALA B 56 7.96 12.86 11.32
C ALA B 56 7.81 14.37 11.17
N ASP B 57 7.15 14.99 12.14
CA ASP B 57 6.92 16.43 12.08
C ASP B 57 8.25 17.17 12.30
N LEU B 58 9.05 16.66 13.23
CA LEU B 58 10.39 17.17 13.44
C LEU B 58 11.25 17.20 12.16
N VAL B 59 11.09 16.19 11.31
CA VAL B 59 11.83 16.12 10.05
C VAL B 59 11.31 17.17 9.06
N VAL B 60 10.02 17.47 9.12
CA VAL B 60 9.45 18.53 8.32
C VAL B 60 10.04 19.88 8.75
N GLY B 61 10.21 20.06 10.05
CA GLY B 61 10.76 21.30 10.64
C GLY B 61 12.21 21.56 10.29
N LEU B 62 13.08 20.60 10.54
CA LEU B 62 14.51 20.78 10.30
C LEU B 62 14.89 20.74 8.81
N LEU B 63 14.18 19.95 8.01
CA LEU B 63 14.65 19.62 6.64
C LEU B 63 13.69 19.99 5.51
N VAL B 64 12.42 19.66 5.64
CA VAL B 64 11.49 19.92 4.55
C VAL B 64 11.24 21.41 4.42
N VAL B 65 10.90 22.05 5.54
CA VAL B 65 10.48 23.44 5.50
C VAL B 65 11.64 24.43 5.25
N PRO B 66 12.80 24.27 5.94
CA PRO B 66 13.92 25.13 5.57
C PRO B 66 14.19 25.09 4.07
N PHE B 67 14.42 23.91 3.52
CA PHE B 67 14.70 23.81 2.09
C PHE B 67 13.63 24.46 1.21
N GLY B 68 12.36 24.16 1.44
CA GLY B 68 11.26 24.76 0.70
C GLY B 68 11.15 26.26 0.88
N ALA B 69 11.63 26.74 2.03
CA ALA B 69 11.68 28.17 2.31
C ALA B 69 12.66 28.84 1.36
N THR B 70 13.90 28.33 1.32
CA THR B 70 14.94 28.88 0.45
C THR B 70 14.40 29.00 -0.98
N LEU B 71 13.64 28.01 -1.41
CA LEU B 71 13.04 28.05 -2.74
C LEU B 71 12.00 29.17 -2.91
N VAL B 72 11.10 29.28 -1.94
CA VAL B 72 10.04 30.30 -2.00
C VAL B 72 10.63 31.72 -1.90
N VAL B 73 11.53 31.93 -0.95
CA VAL B 73 12.16 33.24 -0.69
C VAL B 73 13.03 33.67 -1.88
N ARG B 74 14.01 32.84 -2.23
CA ARG B 74 15.04 33.25 -3.19
C ARG B 74 14.64 33.07 -4.66
N GLY B 75 13.53 32.39 -4.91
CA GLY B 75 13.02 32.20 -6.28
C GLY B 75 13.49 31.00 -7.10
N THR B 76 14.56 30.33 -6.68
CA THR B 76 15.08 29.13 -7.37
C THR B 76 15.64 28.10 -6.40
N TRP B 77 15.99 26.93 -6.94
CA TRP B 77 16.69 25.93 -6.17
C TRP B 77 18.20 26.20 -6.21
N LEU B 78 18.82 26.38 -5.05
CA LEU B 78 20.25 26.68 -5.01
C LEU B 78 21.13 25.48 -4.69
N TRP B 79 20.54 24.31 -4.50
CA TRP B 79 21.26 23.22 -3.81
C TRP B 79 21.57 22.02 -4.70
N GLY B 80 21.34 22.17 -5.99
CA GLY B 80 21.72 21.15 -6.96
C GLY B 80 20.76 19.98 -7.08
N SER B 81 21.02 19.14 -8.09
CA SER B 81 20.14 18.03 -8.47
C SER B 81 19.85 17.02 -7.38
N PHE B 82 20.91 16.53 -6.73
CA PHE B 82 20.77 15.42 -5.79
C PHE B 82 19.95 15.80 -4.58
N LEU B 83 20.29 16.96 -4.02
CA LEU B 83 19.57 17.46 -2.86
C LEU B 83 18.11 17.79 -3.18
N CYS B 84 17.83 18.17 -4.42
CA CYS B 84 16.46 18.47 -4.82
C CYS B 84 15.59 17.21 -4.79
N GLU B 85 16.11 16.12 -5.31
CA GLU B 85 15.39 14.85 -5.26
C GLU B 85 15.25 14.37 -3.83
N LEU B 86 16.36 14.38 -3.06
CA LEU B 86 16.35 13.94 -1.67
C LEU B 86 15.39 14.78 -0.81
N TRP B 87 15.33 16.07 -1.09
CA TRP B 87 14.36 16.95 -0.45
C TRP B 87 12.93 16.50 -0.77
N THR B 88 12.63 16.29 -2.05
CA THR B 88 11.34 15.72 -2.50
C THR B 88 11.02 14.39 -1.80
N SER B 89 11.98 13.46 -1.76
CA SER B 89 11.83 12.18 -1.05
C SER B 89 11.34 12.36 0.36
N LEU B 90 12.09 13.13 1.16
CA LEU B 90 11.75 13.38 2.56
C LEU B 90 10.37 14.00 2.72
N ASP B 91 9.99 14.87 1.80
CA ASP B 91 8.67 15.46 1.82
C ASP B 91 7.61 14.36 1.66
N VAL B 92 7.72 13.57 0.61
CA VAL B 92 6.80 12.44 0.46
C VAL B 92 6.91 11.43 1.62
N LEU B 93 8.13 11.17 2.10
CA LEU B 93 8.29 10.23 3.19
C LEU B 93 7.45 10.59 4.41
N CYS B 94 7.44 11.88 4.75
CA CYS B 94 6.86 12.38 6.01
C CYS B 94 5.34 12.31 6.08
N VAL B 95 4.69 12.76 5.00
CA VAL B 95 3.25 12.68 4.85
C VAL B 95 2.81 11.25 4.95
N THR B 96 3.56 10.37 4.29
CA THR B 96 3.22 8.93 4.23
C THR B 96 3.31 8.29 5.61
N ALA B 97 4.40 8.55 6.33
CA ALA B 97 4.57 8.02 7.69
C ALA B 97 3.62 8.65 8.69
N SER B 98 3.25 9.91 8.48
CA SER B 98 2.28 10.58 9.35
C SER B 98 0.89 9.94 9.30
N ILE B 99 0.35 9.72 8.11
CA ILE B 99 -0.98 9.13 7.95
C ILE B 99 -0.97 7.63 8.28
N GLU B 100 0.17 6.98 8.03
CA GLU B 100 0.29 5.57 8.37
C GLU B 100 0.37 5.38 9.88
N THR B 101 1.00 6.32 10.58
CA THR B 101 1.07 6.27 12.04
C THR B 101 -0.31 6.53 12.64
N LEU B 102 -1.03 7.50 12.08
CA LEU B 102 -2.43 7.74 12.45
C LEU B 102 -3.35 6.52 12.33
N CYS B 103 -3.12 5.69 11.31
CA CYS B 103 -3.85 4.43 11.19
C CYS B 103 -3.54 3.51 12.32
N VAL B 104 -2.24 3.32 12.57
CA VAL B 104 -1.81 2.49 13.68
C VAL B 104 -2.47 2.92 15.00
N ILE B 105 -2.39 4.22 15.31
CA ILE B 105 -3.07 4.80 16.50
C ILE B 105 -4.57 4.46 16.56
N ALA B 106 -5.29 4.66 15.46
CA ALA B 106 -6.72 4.33 15.44
C ALA B 106 -6.90 2.85 15.66
N ILE B 107 -6.03 2.04 15.08
CA ILE B 107 -6.14 0.59 15.25
C ILE B 107 -5.86 0.23 16.71
N ASP B 108 -4.79 0.80 17.27
CA ASP B 108 -4.40 0.59 18.66
C ASP B 108 -5.55 0.85 19.59
N ARG B 109 -6.27 1.94 19.37
CA ARG B 109 -7.42 2.28 20.21
C ARG B 109 -8.63 1.39 19.99
N TYR B 110 -8.87 0.97 18.75
CA TYR B 110 -10.00 0.09 18.46
C TYR B 110 -9.81 -1.18 19.24
N LEU B 111 -8.59 -1.71 19.18
CA LEU B 111 -8.24 -2.95 19.83
C LEU B 111 -8.41 -2.83 21.33
N ALA B 112 -7.81 -1.79 21.91
CA ALA B 112 -7.82 -1.57 23.34
C ALA B 112 -9.22 -1.38 23.90
N ILE B 113 -10.14 -0.95 23.05
CA ILE B 113 -11.46 -0.60 23.52
C ILE B 113 -12.43 -1.77 23.41
N THR B 114 -12.09 -2.73 22.54
CA THR B 114 -12.95 -3.87 22.30
C THR B 114 -12.48 -5.08 23.08
N SER B 115 -11.16 -5.22 23.21
CA SER B 115 -10.59 -6.37 23.89
C SER B 115 -9.40 -5.99 24.75
N PRO B 116 -9.65 -5.43 25.95
CA PRO B 116 -8.64 -4.87 26.86
C PRO B 116 -7.63 -5.87 27.46
N PHE B 117 -8.03 -7.12 27.64
CA PHE B 117 -7.11 -8.13 28.24
C PHE B 117 -6.27 -8.80 27.17
N ARG B 118 -6.92 -9.11 26.05
CA ARG B 118 -6.25 -9.48 24.81
C ARG B 118 -5.23 -8.38 24.42
N TYR B 119 -5.57 -7.12 24.68
CA TYR B 119 -4.71 -5.99 24.33
C TYR B 119 -3.52 -5.85 25.25
N GLN B 120 -3.74 -6.06 26.55
CA GLN B 120 -2.69 -5.94 27.55
C GLN B 120 -1.59 -6.96 27.33
N SER B 121 -1.98 -8.20 27.06
CA SER B 121 -1.02 -9.27 26.85
C SER B 121 -0.35 -9.20 25.49
N LEU B 122 -1.12 -8.95 24.44
CA LEU B 122 -0.55 -8.83 23.08
C LEU B 122 0.34 -7.60 22.91
N MET B 123 -0.20 -6.43 23.18
CA MET B 123 0.55 -5.19 23.01
C MET B 123 1.59 -4.97 24.08
N THR B 124 2.85 -5.11 23.68
CA THR B 124 4.01 -4.87 24.56
C THR B 124 4.87 -3.74 23.98
N ARG B 125 5.96 -3.43 24.67
CA ARG B 125 6.84 -2.33 24.24
C ARG B 125 7.71 -2.73 23.08
N ALA B 126 8.21 -3.97 23.11
CA ALA B 126 9.04 -4.51 22.02
C ALA B 126 8.24 -4.58 20.71
N ARG B 127 6.95 -4.91 20.83
CA ARG B 127 6.06 -4.98 19.68
C ARG B 127 5.62 -3.61 19.14
N ALA B 128 5.43 -2.62 20.03
CA ALA B 128 5.13 -1.24 19.62
C ALA B 128 6.31 -0.60 18.85
N LYS B 129 7.53 -0.97 19.22
CA LYS B 129 8.72 -0.64 18.46
C LYS B 129 8.72 -1.28 17.08
N VAL B 130 8.30 -2.53 16.99
CA VAL B 130 8.28 -3.23 15.70
C VAL B 130 7.29 -2.53 14.78
N ILE B 131 6.08 -2.29 15.29
CA ILE B 131 5.08 -1.51 14.55
C ILE B 131 5.68 -0.21 14.00
N ILE B 132 6.28 0.58 14.87
CA ILE B 132 6.82 1.88 14.47
C ILE B 132 7.82 1.78 13.32
N CYS B 133 8.76 0.86 13.42
CA CYS B 133 9.73 0.65 12.34
C CYS B 133 9.13 0.11 11.02
N THR B 134 8.22 -0.85 11.12
CA THR B 134 7.57 -1.40 9.94
C THR B 134 6.86 -0.27 9.19
N VAL B 135 6.28 0.67 9.94
CA VAL B 135 5.59 1.83 9.35
C VAL B 135 6.61 2.66 8.58
N TRP B 136 7.72 2.96 9.22
CA TRP B 136 8.75 3.73 8.55
C TRP B 136 9.37 3.01 7.34
N ALA B 137 9.47 1.69 7.41
CA ALA B 137 9.99 0.90 6.29
C ALA B 137 9.06 0.93 5.09
N ILE B 138 7.78 0.60 5.32
CA ILE B 138 6.74 0.68 4.32
C ILE B 138 6.73 2.07 3.70
N SER B 139 6.87 3.10 4.53
CA SER B 139 6.77 4.48 4.06
C SER B 139 7.96 4.86 3.19
N ALA B 140 9.17 4.50 3.64
CA ALA B 140 10.37 4.75 2.85
C ALA B 140 10.32 3.97 1.55
N LEU B 141 9.80 2.75 1.60
CA LEU B 141 9.68 1.93 0.41
C LEU B 141 8.85 2.63 -0.66
N VAL B 142 7.71 3.14 -0.22
CA VAL B 142 6.69 3.71 -1.09
C VAL B 142 7.04 5.13 -1.53
N SER B 143 8.00 5.75 -0.85
CA SER B 143 8.35 7.14 -1.19
C SER B 143 9.72 7.34 -1.85
N PHE B 144 10.78 6.79 -1.25
CA PHE B 144 12.15 6.92 -1.79
C PHE B 144 12.37 6.22 -3.10
N LEU B 145 12.07 4.93 -3.12
CA LEU B 145 12.36 4.14 -4.28
C LEU B 145 11.80 4.75 -5.59
N PRO B 146 10.48 5.07 -5.65
CA PRO B 146 9.98 5.53 -6.94
C PRO B 146 10.56 6.88 -7.37
N ILE B 147 10.94 7.72 -6.42
CA ILE B 147 11.48 9.04 -6.75
C ILE B 147 12.92 8.93 -7.25
N MET B 148 13.67 7.99 -6.67
CA MET B 148 15.07 7.74 -7.07
C MET B 148 15.18 6.93 -8.37
N MET B 149 14.07 6.34 -8.80
CA MET B 149 14.05 5.58 -10.04
C MET B 149 13.47 6.42 -11.17
N HIS B 150 13.08 7.65 -10.84
CA HIS B 150 12.59 8.60 -11.83
C HIS B 150 11.20 8.28 -12.39
N TRP B 151 10.54 7.29 -11.82
CA TRP B 151 9.20 6.87 -12.26
C TRP B 151 8.21 8.02 -12.28
N TRP B 152 8.63 9.16 -11.76
CA TRP B 152 7.73 10.26 -11.63
C TRP B 152 7.81 11.22 -12.81
N ARG B 153 8.86 11.09 -13.61
CA ARG B 153 9.11 11.96 -14.76
C ARG B 153 8.11 11.89 -15.91
N ASP B 154 7.78 13.03 -16.48
CA ASP B 154 6.97 13.10 -17.68
C ASP B 154 7.84 13.35 -18.93
N GLU B 155 7.20 13.35 -20.10
CA GLU B 155 7.90 13.54 -21.37
C GLU B 155 7.40 14.80 -22.11
N ASP B 156 6.32 15.39 -21.59
CA ASP B 156 5.86 16.74 -21.94
C ASP B 156 7.07 17.70 -22.13
N PRO B 157 7.03 18.56 -23.17
CA PRO B 157 8.10 19.55 -23.44
C PRO B 157 8.61 20.28 -22.19
N GLN B 158 7.72 21.01 -21.52
CA GLN B 158 8.08 21.84 -20.37
C GLN B 158 8.66 21.06 -19.18
N ALA B 159 8.24 19.80 -19.03
CA ALA B 159 8.78 18.91 -18.01
C ALA B 159 10.24 18.62 -18.29
N LEU B 160 10.53 18.28 -19.55
CA LEU B 160 11.90 18.04 -20.00
C LEU B 160 12.73 19.31 -19.85
N LYS B 161 12.14 20.44 -20.18
CA LYS B 161 12.75 21.75 -19.98
C LYS B 161 13.10 22.01 -18.51
N CYS B 162 12.21 21.59 -17.60
CA CYS B 162 12.47 21.69 -16.16
C CYS B 162 13.40 20.60 -15.60
N TYR B 163 13.53 19.48 -16.30
CA TYR B 163 14.51 18.48 -15.87
C TYR B 163 15.92 18.86 -16.31
N GLN B 164 16.04 20.06 -16.89
CA GLN B 164 17.30 20.54 -17.49
C GLN B 164 17.68 21.96 -17.05
N ASP B 165 16.91 22.49 -16.12
CA ASP B 165 17.21 23.74 -15.46
C ASP B 165 17.55 23.28 -14.04
N PRO B 166 18.81 23.48 -13.60
CA PRO B 166 19.17 22.95 -12.27
C PRO B 166 18.68 23.82 -11.11
N GLY B 167 17.97 24.89 -11.46
CA GLY B 167 17.32 25.77 -10.50
C GLY B 167 15.82 25.50 -10.44
N CYS B 168 15.34 24.67 -11.36
CA CYS B 168 14.01 24.10 -11.31
C CYS B 168 14.04 22.91 -10.36
N CYS B 169 13.22 22.98 -9.32
CA CYS B 169 12.96 21.80 -8.50
C CYS B 169 11.48 21.66 -8.35
N ASP B 170 10.79 21.75 -9.47
CA ASP B 170 9.38 21.48 -9.54
C ASP B 170 9.20 19.99 -9.64
N PHE B 171 8.20 19.49 -8.94
CA PHE B 171 7.88 18.10 -9.00
C PHE B 171 6.77 17.97 -10.03
N VAL B 172 7.11 18.22 -11.29
CA VAL B 172 6.20 17.99 -12.42
C VAL B 172 6.22 16.50 -12.70
N THR B 173 5.18 15.83 -12.25
CA THR B 173 5.13 14.37 -12.39
C THR B 173 4.34 14.01 -13.62
N ASN B 174 4.34 12.73 -13.96
CA ASN B 174 3.46 12.22 -14.98
C ASN B 174 2.15 11.78 -14.33
N ARG B 175 1.12 11.62 -15.15
CA ARG B 175 -0.19 11.34 -14.63
C ARG B 175 -0.27 10.07 -13.83
N ALA B 176 0.54 9.06 -14.19
CA ALA B 176 0.48 7.76 -13.51
C ALA B 176 1.03 7.87 -12.08
N TYR B 177 2.22 8.45 -11.93
CA TYR B 177 2.83 8.62 -10.63
C TYR B 177 1.96 9.49 -9.72
N ALA B 178 1.37 10.54 -10.28
CA ALA B 178 0.52 11.42 -9.48
C ALA B 178 -0.66 10.65 -8.87
N ILE B 179 -1.27 9.75 -9.64
CA ILE B 179 -2.44 9.04 -9.13
C ILE B 179 -2.04 7.90 -8.21
N ALA B 180 -1.05 7.12 -8.64
CA ALA B 180 -0.55 6.02 -7.85
C ALA B 180 -0.01 6.50 -6.52
N SER B 181 0.80 7.55 -6.54
CA SER B 181 1.39 8.13 -5.34
C SER B 181 0.31 8.62 -4.38
N SER B 182 -0.63 9.39 -4.88
CA SER B 182 -1.73 9.84 -4.05
C SER B 182 -2.55 8.71 -3.39
N ILE B 183 -2.95 7.71 -4.19
CA ILE B 183 -3.71 6.57 -3.70
C ILE B 183 -2.92 5.75 -2.68
N ILE B 184 -1.65 5.49 -2.98
CA ILE B 184 -0.83 4.64 -2.13
C ILE B 184 -0.35 5.36 -0.88
N SER B 185 0.09 6.62 -1.01
CA SER B 185 0.64 7.34 0.16
C SER B 185 -0.41 7.99 1.03
N PHE B 186 -1.57 8.33 0.46
CA PHE B 186 -2.54 9.12 1.17
C PHE B 186 -3.91 8.46 1.23
N TYR B 187 -4.55 8.33 0.09
CA TYR B 187 -5.96 7.97 0.09
C TYR B 187 -6.30 6.67 0.79
N ILE B 188 -5.55 5.60 0.50
CA ILE B 188 -5.86 4.30 1.11
C ILE B 188 -5.74 4.37 2.62
N PRO B 189 -4.59 4.86 3.16
CA PRO B 189 -4.53 5.01 4.61
C PRO B 189 -5.60 5.96 5.17
N LEU B 190 -5.97 7.00 4.44
CA LEU B 190 -7.03 7.90 4.90
C LEU B 190 -8.35 7.12 5.04
N LEU B 191 -8.71 6.33 4.03
CA LEU B 191 -9.92 5.52 4.11
C LEU B 191 -9.88 4.56 5.30
N ILE B 192 -8.75 3.89 5.49
CA ILE B 192 -8.59 2.98 6.62
C ILE B 192 -8.70 3.74 7.94
N MET B 193 -8.08 4.90 8.01
CA MET B 193 -8.12 5.70 9.23
C MET B 193 -9.51 6.27 9.51
N ILE B 194 -10.28 6.61 8.48
CA ILE B 194 -11.68 7.06 8.69
C ILE B 194 -12.55 5.93 9.22
N PHE B 195 -12.65 4.84 8.45
CA PHE B 195 -13.37 3.61 8.81
C PHE B 195 -13.10 3.20 10.25
N VAL B 196 -11.83 3.02 10.59
CA VAL B 196 -11.44 2.63 11.95
C VAL B 196 -11.76 3.67 13.04
N ALA B 197 -11.76 4.95 12.70
CA ALA B 197 -12.11 5.98 13.67
C ALA B 197 -13.61 5.94 14.03
N LEU B 198 -14.45 5.69 13.03
CA LEU B 198 -15.89 5.63 13.25
C LEU B 198 -16.26 4.41 14.08
N ARG B 199 -15.49 3.35 13.95
CA ARG B 199 -15.67 2.16 14.78
C ARG B 199 -15.29 2.40 16.25
N VAL B 200 -14.17 3.09 16.48
CA VAL B 200 -13.78 3.49 17.83
C VAL B 200 -14.89 4.36 18.41
N TYR B 201 -15.43 5.24 17.56
CA TYR B 201 -16.50 6.13 17.95
C TYR B 201 -17.75 5.38 18.43
N ARG B 202 -18.27 4.48 17.60
CA ARG B 202 -19.42 3.64 17.95
C ARG B 202 -19.16 2.82 19.21
N GLU B 203 -17.96 2.25 19.34
CA GLU B 203 -17.65 1.50 20.55
C GLU B 203 -17.57 2.38 21.80
N ALA B 204 -17.03 3.59 21.67
CA ALA B 204 -17.01 4.55 22.77
C ALA B 204 -18.42 5.03 23.15
N LYS B 205 -19.25 5.25 22.13
CA LYS B 205 -20.65 5.61 22.32
C LYS B 205 -21.42 4.55 23.13
N GLU B 206 -21.17 3.28 22.83
CA GLU B 206 -21.83 2.18 23.52
C GLU B 206 -21.36 2.06 24.97
N GLN B 207 -20.16 2.55 25.26
CA GLN B 207 -19.61 2.52 26.61
C GLN B 207 -20.26 3.53 27.54
N ILE B 208 -20.90 4.57 26.98
CA ILE B 208 -21.52 5.60 27.81
C ILE B 208 -23.01 5.39 28.10
N ARG B 209 -23.58 4.29 27.63
CA ARG B 209 -24.89 3.87 28.11
C ARG B 209 -24.69 3.53 29.59
N LYS B 210 -25.62 3.93 30.45
CA LYS B 210 -25.50 3.63 31.90
C LYS B 210 -24.52 4.51 32.64
N ILE B 211 -23.99 5.55 31.99
CA ILE B 211 -22.98 6.35 32.65
C ILE B 211 -23.62 7.48 33.52
N ASP B 212 -24.76 7.99 33.08
CA ASP B 212 -25.49 9.01 33.81
C ASP B 212 -26.26 8.38 34.97
N ARG B 213 -26.03 7.09 35.20
CA ARG B 213 -26.61 6.39 36.34
C ARG B 213 -25.98 6.98 37.58
N ALA B 214 -26.82 7.25 38.57
CA ALA B 214 -26.36 7.77 39.85
C ALA B 214 -25.41 6.78 40.50
N SER B 215 -25.70 5.48 40.34
CA SER B 215 -24.91 4.37 40.90
C SER B 215 -23.51 4.24 40.32
N LYS B 216 -23.18 5.10 39.35
CA LYS B 216 -21.88 5.03 38.70
C LYS B 216 -21.08 6.33 38.70
N ARG B 217 -21.65 7.38 39.29
CA ARG B 217 -21.08 8.72 39.14
C ARG B 217 -19.75 8.98 39.88
N LYS B 218 -19.51 8.28 40.97
CA LYS B 218 -18.34 8.60 41.78
C LYS B 218 -17.01 8.18 41.16
N THR B 219 -16.96 6.99 40.54
CA THR B 219 -15.71 6.51 39.95
C THR B 219 -15.87 6.01 38.52
N SER B 220 -16.75 5.03 38.32
CA SER B 220 -16.95 4.46 36.99
C SER B 220 -17.13 5.52 35.92
N ARG B 221 -17.38 6.76 36.33
CA ARG B 221 -17.75 7.81 35.40
C ARG B 221 -16.66 8.86 35.18
N VAL B 222 -15.99 9.25 36.26
CA VAL B 222 -14.83 10.12 36.16
C VAL B 222 -13.76 9.45 35.27
N MET B 223 -13.47 8.16 35.54
CA MET B 223 -12.50 7.39 34.76
C MET B 223 -12.83 7.34 33.26
N LEU B 224 -14.12 7.17 32.94
CA LEU B 224 -14.56 7.08 31.55
C LEU B 224 -14.62 8.42 30.84
N MET B 225 -14.74 9.50 31.59
CA MET B 225 -14.74 10.84 31.01
C MET B 225 -13.32 11.22 30.62
N ARG B 226 -12.37 10.86 31.46
CA ARG B 226 -10.96 11.17 31.26
C ARG B 226 -10.42 10.46 30.01
N GLU B 227 -10.95 9.25 29.77
CA GLU B 227 -10.58 8.42 28.61
C GLU B 227 -11.16 9.00 27.31
N HIS B 228 -12.42 9.38 27.36
CA HIS B 228 -13.09 9.98 26.22
C HIS B 228 -12.56 11.37 25.92
N LYS B 229 -11.96 12.01 26.90
CA LYS B 229 -11.24 13.26 26.63
C LYS B 229 -10.04 12.94 25.74
N ALA B 230 -9.23 11.94 26.13
CA ALA B 230 -8.04 11.53 25.37
C ALA B 230 -8.35 11.05 23.95
N LEU B 231 -9.43 10.29 23.79
CA LEU B 231 -9.88 9.82 22.49
C LEU B 231 -10.29 10.96 21.57
N LYS B 232 -10.95 11.97 22.11
CA LYS B 232 -11.34 13.12 21.32
C LYS B 232 -10.12 13.94 20.88
N THR B 233 -9.13 14.05 21.77
CA THR B 233 -7.85 14.66 21.40
C THR B 233 -7.29 13.98 20.14
N LEU B 234 -7.15 12.64 20.18
CA LEU B 234 -6.73 11.85 19.03
C LEU B 234 -7.65 12.08 17.84
N GLY B 235 -8.95 12.12 18.08
CA GLY B 235 -9.91 12.41 17.02
C GLY B 235 -9.57 13.71 16.31
N ILE B 236 -9.24 14.75 17.11
CA ILE B 236 -8.88 16.08 16.60
C ILE B 236 -7.57 16.03 15.74
N ILE B 237 -6.53 15.43 16.32
CA ILE B 237 -5.25 15.16 15.63
C ILE B 237 -5.52 14.69 14.19
N MET B 238 -6.32 13.63 14.04
CA MET B 238 -6.69 13.05 12.73
C MET B 238 -7.48 14.00 11.85
N GLY B 239 -8.51 14.62 12.42
CA GLY B 239 -9.40 15.47 11.65
C GLY B 239 -8.72 16.72 11.13
N VAL B 240 -7.75 17.22 11.89
CA VAL B 240 -6.99 18.39 11.47
C VAL B 240 -5.97 18.00 10.40
N PHE B 241 -5.24 16.91 10.61
CA PHE B 241 -4.36 16.36 9.57
C PHE B 241 -5.08 16.18 8.24
N THR B 242 -6.28 15.59 8.29
CA THR B 242 -7.15 15.43 7.10
C THR B 242 -7.50 16.76 6.44
N LEU B 243 -7.92 17.77 7.23
CA LEU B 243 -8.25 19.08 6.67
C LEU B 243 -7.04 19.78 6.06
N CYS B 244 -5.88 19.68 6.70
CA CYS B 244 -4.66 20.28 6.15
C CYS B 244 -4.16 19.63 4.85
N TRP B 245 -4.48 18.35 4.63
CA TRP B 245 -3.92 17.64 3.48
C TRP B 245 -4.92 17.28 2.38
N LEU B 246 -6.20 17.13 2.75
CA LEU B 246 -7.21 16.81 1.75
C LEU B 246 -7.23 17.83 0.60
N PRO B 247 -7.09 19.15 0.89
CA PRO B 247 -7.14 20.09 -0.24
C PRO B 247 -5.99 19.89 -1.22
N PHE B 248 -4.77 19.75 -0.74
CA PHE B 248 -3.61 19.48 -1.63
C PHE B 248 -3.79 18.23 -2.47
N PHE B 249 -4.12 17.09 -1.86
CA PHE B 249 -4.28 15.84 -2.60
C PHE B 249 -5.48 15.79 -3.54
N LEU B 250 -6.52 16.56 -3.22
CA LEU B 250 -7.68 16.71 -4.10
C LEU B 250 -7.28 17.58 -5.27
N VAL B 251 -6.53 18.63 -5.02
CA VAL B 251 -6.04 19.45 -6.11
C VAL B 251 -5.14 18.60 -7.01
N ASN B 252 -4.21 17.86 -6.38
CA ASN B 252 -3.27 16.98 -7.06
C ASN B 252 -3.93 16.16 -8.15
N ILE B 253 -5.10 15.62 -7.85
CA ILE B 253 -5.83 14.79 -8.77
C ILE B 253 -6.44 15.60 -9.93
N VAL B 254 -7.11 16.70 -9.60
CA VAL B 254 -7.73 17.54 -10.63
C VAL B 254 -6.71 17.97 -11.71
N ASN B 255 -5.47 18.23 -11.29
CA ASN B 255 -4.38 18.54 -12.22
C ASN B 255 -4.22 17.49 -13.31
N VAL B 256 -4.49 16.25 -12.94
CA VAL B 256 -4.32 15.13 -13.84
C VAL B 256 -5.37 15.22 -14.96
N PHE B 257 -6.58 15.63 -14.61
CA PHE B 257 -7.69 15.69 -15.57
C PHE B 257 -7.83 17.03 -16.29
N ASN B 258 -7.23 18.09 -15.74
CA ASN B 258 -7.33 19.44 -16.30
C ASN B 258 -6.28 20.38 -15.75
N ARG B 259 -5.15 20.49 -16.46
CA ARG B 259 -3.98 21.25 -15.99
C ARG B 259 -4.21 22.75 -15.74
N ASP B 260 -5.42 23.24 -16.04
CA ASP B 260 -5.74 24.66 -15.92
C ASP B 260 -6.58 25.00 -14.70
N LEU B 261 -7.62 24.20 -14.43
CA LEU B 261 -8.65 24.56 -13.45
C LEU B 261 -8.10 25.16 -12.15
N VAL B 262 -6.95 24.67 -11.71
CA VAL B 262 -6.29 25.21 -10.52
C VAL B 262 -5.07 26.09 -10.86
N PRO B 263 -5.07 27.33 -10.35
CA PRO B 263 -3.92 28.21 -10.43
C PRO B 263 -2.69 27.68 -9.69
N ASP B 264 -1.55 27.86 -10.34
CA ASP B 264 -0.21 27.57 -9.82
C ASP B 264 -0.04 27.91 -8.33
N TRP B 265 -0.37 29.14 -7.94
CA TRP B 265 -0.19 29.61 -6.55
C TRP B 265 -1.05 28.83 -5.53
N LEU B 266 -2.30 28.53 -5.88
CA LEU B 266 -3.23 27.87 -4.98
C LEU B 266 -2.74 26.46 -4.64
N PHE B 267 -2.15 25.81 -5.64
CA PHE B 267 -1.52 24.51 -5.49
C PHE B 267 -0.41 24.59 -4.45
N VAL B 268 0.48 25.56 -4.58
CA VAL B 268 1.60 25.68 -3.66
C VAL B 268 1.10 26.07 -2.27
N ALA B 269 0.06 26.91 -2.23
CA ALA B 269 -0.60 27.28 -0.97
C ALA B 269 -1.04 26.03 -0.20
N PHE B 270 -1.83 25.20 -0.88
CA PHE B 270 -2.29 23.95 -0.32
C PHE B 270 -1.17 23.03 0.20
N ASN B 271 -0.05 22.99 -0.50
CA ASN B 271 1.10 22.22 -0.05
C ASN B 271 1.65 22.75 1.27
N TRP B 272 1.57 24.07 1.43
CA TRP B 272 2.03 24.73 2.68
C TRP B 272 1.04 24.58 3.82
N LEU B 273 -0.26 24.62 3.51
CA LEU B 273 -1.25 24.24 4.50
C LEU B 273 -0.82 22.89 5.06
N GLY B 274 -0.43 21.98 4.15
CA GLY B 274 0.13 20.69 4.50
C GLY B 274 1.33 20.76 5.43
N TYR B 275 2.36 21.48 5.02
CA TYR B 275 3.53 21.65 5.88
C TYR B 275 3.15 22.21 7.26
N ALA B 276 2.14 23.08 7.29
CA ALA B 276 1.75 23.79 8.50
C ALA B 276 1.20 22.87 9.56
N ASN B 277 0.64 21.74 9.13
CA ASN B 277 0.08 20.74 10.03
C ASN B 277 1.12 20.18 11.03
N SER B 278 2.40 20.23 10.68
CA SER B 278 3.47 19.80 11.58
C SER B 278 3.60 20.66 12.86
N ALA B 279 2.99 21.84 12.82
CA ALA B 279 3.02 22.77 13.94
C ALA B 279 1.85 22.54 14.91
N MET B 280 0.80 21.90 14.42
CA MET B 280 -0.46 21.88 15.16
C MET B 280 -0.58 20.90 16.31
N ASN B 281 -0.05 19.69 16.17
CA ASN B 281 -0.19 18.66 17.22
C ASN B 281 0.28 19.07 18.62
N PRO B 282 1.46 19.70 18.74
CA PRO B 282 1.89 20.12 20.06
C PRO B 282 0.90 21.06 20.71
N ILE B 283 0.34 21.99 19.94
CA ILE B 283 -0.70 22.89 20.47
C ILE B 283 -1.93 22.08 20.91
N ILE B 284 -2.39 21.17 20.08
CA ILE B 284 -3.56 20.35 20.36
C ILE B 284 -3.39 19.42 21.57
N TYR B 285 -2.17 18.92 21.79
CA TYR B 285 -1.87 18.13 23.00
C TYR B 285 -1.96 18.97 24.29
N CYS B 286 -2.32 20.24 24.17
CA CYS B 286 -2.51 21.09 25.34
C CYS B 286 -3.91 21.03 25.90
N ARG B 287 -4.69 20.04 25.45
CA ARG B 287 -5.96 19.71 26.06
C ARG B 287 -5.68 18.80 27.25
N SER B 288 -4.50 18.21 27.23
CA SER B 288 -4.08 17.28 28.26
C SER B 288 -3.43 18.02 29.42
N PRO B 289 -3.92 17.80 30.66
CA PRO B 289 -3.27 18.30 31.87
C PRO B 289 -1.84 17.76 32.03
N ASP B 290 -1.67 16.47 31.77
CA ASP B 290 -0.37 15.79 31.85
C ASP B 290 0.68 16.37 30.93
N PHE B 291 0.32 16.60 29.66
CA PHE B 291 1.23 17.23 28.68
C PHE B 291 1.55 18.66 29.09
N ARG B 292 0.52 19.36 29.56
CA ARG B 292 0.62 20.77 29.92
C ARG B 292 1.54 21.02 31.13
N LYS B 293 1.52 20.12 32.09
CA LYS B 293 2.42 20.16 33.24
C LYS B 293 3.87 19.88 32.86
N ALA B 294 4.05 18.98 31.90
CA ALA B 294 5.36 18.59 31.42
C ALA B 294 5.96 19.66 30.50
N PHE B 295 5.09 20.39 29.79
CA PHE B 295 5.52 21.49 28.92
C PHE B 295 6.13 22.62 29.73
N LYS B 296 5.49 22.94 30.87
CA LYS B 296 5.96 23.99 31.77
C LYS B 296 7.21 23.56 32.52
N ARG B 297 7.16 22.39 33.15
CA ARG B 297 8.32 21.82 33.83
C ARG B 297 9.57 21.80 32.93
N LEU B 298 9.39 21.51 31.64
CA LEU B 298 10.50 21.45 30.69
C LEU B 298 11.06 22.83 30.35
N LEU B 299 10.17 23.73 29.92
CA LEU B 299 10.57 25.09 29.53
C LEU B 299 11.36 25.84 30.63
N ALA B 300 11.32 25.29 31.86
CA ALA B 300 12.08 25.78 33.03
C ALA B 300 11.69 27.20 33.42
#